data_6R9X
#
_entry.id   6R9X
#
_cell.length_a   57.239
_cell.length_b   57.239
_cell.length_c   87.603
_cell.angle_alpha   90.00
_cell.angle_beta   90.00
_cell.angle_gamma   90.00
#
_symmetry.space_group_name_H-M   'P 41 21 2'
#
loop_
_entity.id
_entity.type
_entity.pdbx_description
1 polymer 'Peptidyl-prolyl cis-trans isomerase F, mitochondrial'
2 non-polymer "~{N}'-cyclopentyl-~{N}-(pyridin-2-ylmethyl)ethanediamide"
3 water water
#
_entity_poly.entity_id   1
_entity_poly.type   'polypeptide(L)'
_entity_poly.pdbx_seq_one_letter_code
;GNPLVYLDVDANGKPLGRVVLELKADVVPKTAENFRALCTGEKGFGYKGSTFHRVIPSFMCQAGDFTNHNGTGGKSIYGS
RFPDENFTLKHVGPGVLSMANAGPNTNGSQFFICTIKTDWLDGKHVVFGHVIEGMDVVKKIESFGSKSGRTSKKIVITDC
GQLS
;
_entity_poly.pdbx_strand_id   A
#
# COMPACT_ATOMS: atom_id res chain seq x y z
N GLY A 1 -13.99 15.26 -5.13
CA GLY A 1 -13.25 14.24 -5.86
C GLY A 1 -12.57 13.21 -5.01
N ASN A 2 -11.88 12.26 -5.67
CA ASN A 2 -11.17 11.19 -5.01
C ASN A 2 -10.00 11.72 -4.19
N PRO A 3 -9.74 11.13 -3.03
CA PRO A 3 -8.57 11.61 -2.26
C PRO A 3 -7.23 11.38 -2.97
N LEU A 4 -6.31 12.29 -2.74
CA LEU A 4 -4.93 12.18 -3.16
C LEU A 4 -4.19 12.12 -1.83
N VAL A 5 -3.40 11.06 -1.64
CA VAL A 5 -2.57 10.88 -0.43
C VAL A 5 -1.10 10.73 -0.82
N TYR A 6 -0.21 10.86 0.16
CA TYR A 6 1.21 10.72 -0.09
C TYR A 6 1.90 9.83 0.91
N LEU A 7 3.02 9.26 0.46
CA LEU A 7 3.96 8.50 1.26
C LEU A 7 5.35 9.05 0.98
N ASP A 8 6.06 9.58 2.02
CA ASP A 8 7.47 9.96 1.88
C ASP A 8 8.29 8.78 2.39
N VAL A 9 9.20 8.26 1.55
CA VAL A 9 9.93 7.03 1.83
C VAL A 9 11.42 7.21 1.95
N ASP A 10 12.03 6.64 2.99
CA ASP A 10 13.47 6.58 3.12
C ASP A 10 13.95 5.16 2.77
N ALA A 11 15.22 5.03 2.38
CA ALA A 11 15.91 3.74 2.24
C ALA A 11 17.19 3.93 3.05
N ASN A 12 17.40 3.13 4.12
CA ASN A 12 18.57 3.29 5.00
C ASN A 12 18.72 4.74 5.52
N GLY A 13 17.60 5.34 5.91
CA GLY A 13 17.55 6.66 6.52
C GLY A 13 17.82 7.87 5.64
N LYS A 14 17.76 7.68 4.32
CA LYS A 14 17.94 8.80 3.40
C LYS A 14 16.72 8.84 2.48
N PRO A 15 16.14 10.03 2.24
CA PRO A 15 14.92 10.15 1.45
C PRO A 15 15.05 9.73 0.00
N LEU A 16 14.06 8.97 -0.46
CA LEU A 16 13.96 8.57 -1.84
C LEU A 16 13.02 9.54 -2.56
N GLY A 17 12.12 10.15 -1.81
CA GLY A 17 11.14 11.03 -2.37
C GLY A 17 9.72 10.67 -1.99
N ARG A 18 8.76 11.08 -2.83
CA ARG A 18 7.36 10.94 -2.46
C ARG A 18 6.56 10.14 -3.48
N VAL A 19 5.69 9.26 -2.99
CA VAL A 19 4.76 8.51 -3.83
C VAL A 19 3.41 9.15 -3.55
N VAL A 20 2.76 9.64 -4.62
CA VAL A 20 1.43 10.23 -4.54
C VAL A 20 0.45 9.21 -5.11
N LEU A 21 -0.65 8.93 -4.36
CA LEU A 21 -1.64 7.96 -4.76
C LEU A 21 -3.06 8.53 -4.82
N GLU A 22 -3.82 8.17 -5.87
CA GLU A 22 -5.22 8.51 -5.98
C GLU A 22 -5.95 7.30 -5.42
N LEU A 23 -6.87 7.54 -4.50
CA LEU A 23 -7.71 6.51 -3.89
C LEU A 23 -9.07 6.58 -4.58
N LYS A 24 -9.46 5.49 -5.23
CA LYS A 24 -10.70 5.42 -5.99
C LYS A 24 -11.93 5.24 -5.09
N ALA A 25 -12.20 6.26 -4.27
CA ALA A 25 -13.36 6.29 -3.34
C ALA A 25 -14.66 6.22 -4.12
N ASP A 26 -14.64 6.60 -5.40
CA ASP A 26 -15.85 6.51 -6.22
C ASP A 26 -16.25 5.08 -6.52
N VAL A 27 -15.29 4.17 -6.50
CA VAL A 27 -15.52 2.73 -6.78
C VAL A 27 -15.49 1.91 -5.47
N VAL A 28 -14.55 2.21 -4.58
CA VAL A 28 -14.37 1.42 -3.33
C VAL A 28 -14.28 2.38 -2.14
N PRO A 29 -15.40 3.09 -1.81
CA PRO A 29 -15.33 4.10 -0.74
C PRO A 29 -14.81 3.61 0.60
N LYS A 30 -15.21 2.38 0.99
CA LYS A 30 -14.81 1.86 2.30
C LYS A 30 -13.30 1.55 2.36
N THR A 31 -12.77 0.95 1.27
CA THR A 31 -11.35 0.63 1.16
C THR A 31 -10.51 1.92 1.03
N ALA A 32 -10.98 2.87 0.21
CA ALA A 32 -10.28 4.14 0.08
C ALA A 32 -10.26 4.91 1.41
N GLU A 33 -11.41 4.96 2.13
CA GLU A 33 -11.49 5.68 3.42
C GLU A 33 -10.49 5.12 4.43
N ASN A 34 -10.40 3.79 4.53
CA ASN A 34 -9.46 3.14 5.42
C ASN A 34 -8.02 3.60 5.14
N PHE A 35 -7.60 3.53 3.88
CA PHE A 35 -6.25 3.93 3.49
C PHE A 35 -6.01 5.42 3.76
N ARG A 36 -7.00 6.28 3.43
CA ARG A 36 -6.90 7.72 3.64
C ARG A 36 -6.64 8.03 5.11
N ALA A 37 -7.45 7.45 6.02
CA ALA A 37 -7.29 7.70 7.47
C ALA A 37 -5.99 7.12 8.04
N LEU A 38 -5.50 5.98 7.48
CA LEU A 38 -4.24 5.43 7.96
C LEU A 38 -3.08 6.32 7.52
N CYS A 39 -3.23 7.04 6.39
CA CYS A 39 -2.21 7.98 5.93
C CYS A 39 -2.16 9.21 6.83
N THR A 40 -3.33 9.78 7.16
CA THR A 40 -3.34 10.97 8.03
C THR A 40 -3.01 10.61 9.48
N GLY A 41 -3.32 9.37 9.89
CA GLY A 41 -3.14 8.93 11.26
C GLY A 41 -4.19 9.50 12.21
N GLU A 42 -5.29 10.05 11.67
CA GLU A 42 -6.33 10.73 12.46
C GLU A 42 -7.06 9.84 13.49
N LYS A 43 -6.95 8.49 13.36
CA LYS A 43 -7.57 7.60 14.36
C LYS A 43 -6.61 7.25 15.50
N GLY A 44 -5.40 7.80 15.43
CA GLY A 44 -4.40 7.60 16.46
C GLY A 44 -3.42 6.49 16.12
N PHE A 45 -3.51 6.00 14.88
CA PHE A 45 -2.63 4.94 14.36
C PHE A 45 -2.57 5.05 12.84
N GLY A 46 -1.61 4.38 12.24
CA GLY A 46 -1.48 4.43 10.79
C GLY A 46 -0.10 4.08 10.31
N TYR A 47 0.14 4.43 9.05
CA TYR A 47 1.36 4.07 8.34
C TYR A 47 2.61 4.80 8.75
N LYS A 48 2.51 6.01 9.33
CA LYS A 48 3.71 6.76 9.65
C LYS A 48 4.69 5.93 10.46
N GLY A 49 5.93 5.85 9.97
CA GLY A 49 6.98 5.09 10.66
C GLY A 49 7.09 3.63 10.28
N SER A 50 6.08 3.06 9.59
CA SER A 50 6.06 1.65 9.18
C SER A 50 6.90 1.41 7.92
N THR A 51 7.08 0.14 7.57
CA THR A 51 8.02 -0.20 6.51
C THR A 51 7.43 -0.88 5.29
N PHE A 52 8.23 -0.95 4.21
CA PHE A 52 7.96 -1.84 3.09
C PHE A 52 8.75 -3.12 3.46
N HIS A 53 8.04 -4.11 4.02
CA HIS A 53 8.65 -5.32 4.56
C HIS A 53 8.88 -6.46 3.54
N ARG A 54 8.18 -6.43 2.39
CA ARG A 54 8.25 -7.49 1.38
C ARG A 54 8.26 -6.79 0.01
N VAL A 55 9.36 -6.93 -0.74
CA VAL A 55 9.51 -6.29 -2.05
C VAL A 55 10.09 -7.31 -3.00
N ILE A 56 9.37 -7.58 -4.12
CA ILE A 56 9.81 -8.55 -5.11
C ILE A 56 10.04 -7.85 -6.46
N PRO A 57 11.29 -7.76 -6.94
CA PRO A 57 11.52 -7.11 -8.26
C PRO A 57 10.68 -7.76 -9.37
N SER A 58 10.17 -6.92 -10.28
CA SER A 58 9.29 -7.32 -11.39
C SER A 58 7.97 -7.87 -10.88
N PHE A 59 7.54 -7.43 -9.69
CA PHE A 59 6.28 -7.89 -9.14
C PHE A 59 5.58 -6.77 -8.38
N MET A 60 6.03 -6.50 -7.15
CA MET A 60 5.36 -5.49 -6.33
C MET A 60 6.16 -5.09 -5.11
N CYS A 61 5.72 -4.01 -4.44
CA CYS A 61 6.31 -3.55 -3.19
C CYS A 61 5.17 -3.60 -2.18
N GLN A 62 5.38 -4.31 -1.07
CA GLN A 62 4.36 -4.49 -0.02
C GLN A 62 4.71 -3.78 1.29
N ALA A 63 3.71 -3.18 1.93
CA ALA A 63 3.90 -2.41 3.16
C ALA A 63 2.62 -2.47 3.99
N GLY A 64 2.56 -1.67 5.06
CA GLY A 64 1.34 -1.50 5.83
C GLY A 64 1.21 -2.23 7.14
N ASP A 65 2.18 -3.09 7.51
CA ASP A 65 2.06 -3.78 8.77
C ASP A 65 2.66 -2.88 9.86
N PHE A 66 1.83 -1.97 10.41
CA PHE A 66 2.30 -1.01 11.43
C PHE A 66 2.16 -1.55 12.84
N THR A 67 1.70 -2.79 12.99
CA THR A 67 1.58 -3.37 14.32
C THR A 67 2.71 -4.37 14.62
N ASN A 68 3.05 -5.26 13.67
CA ASN A 68 4.09 -6.29 13.87
C ASN A 68 5.32 -6.11 12.98
N HIS A 69 5.24 -5.18 12.01
CA HIS A 69 6.33 -4.83 11.09
C HIS A 69 6.99 -6.04 10.42
N ASN A 70 6.20 -7.10 10.13
CA ASN A 70 6.79 -8.31 9.55
C ASN A 70 5.91 -9.02 8.54
N GLY A 71 4.71 -8.51 8.31
CA GLY A 71 3.77 -9.07 7.36
C GLY A 71 2.66 -9.87 7.96
N THR A 72 2.63 -10.02 9.30
CA THR A 72 1.55 -10.79 9.93
C THR A 72 0.46 -9.91 10.50
N GLY A 73 0.75 -8.63 10.66
CA GLY A 73 -0.15 -7.72 11.34
C GLY A 73 -0.84 -6.65 10.52
N GLY A 74 -1.10 -5.54 11.20
CA GLY A 74 -1.87 -4.43 10.68
C GLY A 74 -3.30 -4.52 11.17
N LYS A 75 -4.04 -3.40 11.05
CA LYS A 75 -5.44 -3.29 11.42
C LYS A 75 -6.11 -2.17 10.64
N SER A 76 -7.42 -2.27 10.45
CA SER A 76 -8.16 -1.23 9.75
C SER A 76 -8.75 -0.22 10.74
N ILE A 77 -9.31 0.87 10.19
CA ILE A 77 -9.97 1.88 11.04
C ILE A 77 -11.31 1.32 11.58
N TYR A 78 -11.83 0.24 10.93
CA TYR A 78 -13.12 -0.35 11.30
C TYR A 78 -13.05 -1.41 12.39
N GLY A 79 -11.89 -2.02 12.53
CA GLY A 79 -11.64 -3.16 13.42
C GLY A 79 -10.46 -3.92 12.84
N SER A 80 -10.21 -5.16 13.31
CA SER A 80 -9.01 -5.85 12.82
C SER A 80 -9.03 -6.11 11.33
N ARG A 81 -10.16 -6.56 10.79
N ARG A 81 -10.18 -6.54 10.78
CA ARG A 81 -10.27 -6.85 9.33
CA ARG A 81 -10.33 -6.86 9.36
C ARG A 81 -11.63 -6.42 8.79
C ARG A 81 -11.65 -6.39 8.80
N PHE A 82 -11.71 -6.18 7.48
CA PHE A 82 -12.96 -5.76 6.84
C PHE A 82 -13.16 -6.51 5.52
N PRO A 83 -14.42 -6.64 5.07
CA PRO A 83 -14.69 -7.42 3.84
C PRO A 83 -14.05 -6.89 2.57
N ASP A 84 -13.97 -7.79 1.56
CA ASP A 84 -13.58 -7.39 0.21
C ASP A 84 -14.77 -6.60 -0.34
N GLU A 85 -14.56 -5.28 -0.56
CA GLU A 85 -15.63 -4.38 -1.00
C GLU A 85 -16.18 -4.76 -2.38
N ASN A 86 -15.31 -4.90 -3.36
CA ASN A 86 -15.62 -5.40 -4.70
C ASN A 86 -14.30 -5.63 -5.42
N PHE A 87 -14.39 -6.28 -6.59
CA PHE A 87 -13.25 -6.57 -7.45
C PHE A 87 -13.39 -5.86 -8.78
N THR A 88 -14.02 -4.68 -8.79
CA THR A 88 -14.33 -3.94 -10.02
C THR A 88 -13.07 -3.47 -10.76
N LEU A 89 -12.13 -2.88 -10.02
CA LEU A 89 -10.85 -2.39 -10.58
C LEU A 89 -9.92 -3.57 -10.70
N LYS A 90 -9.14 -3.60 -11.79
CA LYS A 90 -8.25 -4.72 -12.07
C LYS A 90 -6.76 -4.35 -11.89
N HIS A 91 -5.90 -5.36 -11.73
CA HIS A 91 -4.46 -5.19 -11.59
C HIS A 91 -3.90 -5.04 -13.03
N VAL A 92 -4.14 -3.85 -13.60
CA VAL A 92 -3.89 -3.59 -15.03
C VAL A 92 -2.42 -3.38 -15.43
N GLY A 93 -1.59 -2.99 -14.48
CA GLY A 93 -0.19 -2.71 -14.75
C GLY A 93 0.57 -2.06 -13.63
N PRO A 94 1.79 -1.54 -13.94
CA PRO A 94 2.60 -0.87 -12.90
C PRO A 94 1.84 0.33 -12.32
N GLY A 95 2.00 0.52 -11.02
CA GLY A 95 1.38 1.62 -10.27
C GLY A 95 0.06 1.32 -9.60
N VAL A 96 -0.53 0.15 -9.86
CA VAL A 96 -1.80 -0.26 -9.22
C VAL A 96 -1.57 -0.39 -7.72
N LEU A 97 -2.47 0.20 -6.93
CA LEU A 97 -2.45 0.11 -5.45
C LEU A 97 -3.56 -0.89 -5.07
N SER A 98 -3.22 -1.93 -4.29
CA SER A 98 -4.18 -2.99 -3.98
C SER A 98 -3.97 -3.51 -2.56
N MET A 99 -5.02 -4.14 -2.00
CA MET A 99 -4.97 -4.63 -0.61
C MET A 99 -4.39 -6.03 -0.53
N ALA A 100 -3.40 -6.19 0.37
CA ALA A 100 -2.85 -7.50 0.71
C ALA A 100 -3.89 -8.13 1.63
N ASN A 101 -3.90 -9.46 1.73
CA ASN A 101 -4.86 -10.13 2.61
C ASN A 101 -4.37 -11.55 2.93
N ALA A 102 -5.13 -12.28 3.74
CA ALA A 102 -4.82 -13.67 4.13
C ALA A 102 -5.98 -14.56 3.71
N GLY A 103 -6.57 -14.20 2.59
CA GLY A 103 -7.72 -14.88 2.02
C GLY A 103 -8.93 -13.96 1.93
N PRO A 104 -10.10 -14.50 1.48
CA PRO A 104 -11.27 -13.62 1.33
C PRO A 104 -11.64 -12.88 2.62
N ASN A 105 -12.05 -11.63 2.46
CA ASN A 105 -12.55 -10.77 3.54
C ASN A 105 -11.61 -10.64 4.75
N THR A 106 -10.30 -10.38 4.46
CA THR A 106 -9.31 -10.21 5.53
C THR A 106 -8.45 -8.95 5.33
N ASN A 107 -9.04 -7.91 4.72
CA ASN A 107 -8.35 -6.64 4.52
C ASN A 107 -8.08 -6.01 5.87
N GLY A 108 -6.88 -5.47 6.07
CA GLY A 108 -6.53 -4.82 7.33
C GLY A 108 -5.92 -3.48 7.01
N SER A 109 -4.58 -3.42 6.98
CA SER A 109 -3.84 -2.23 6.58
C SER A 109 -2.77 -2.53 5.52
N GLN A 110 -2.31 -3.79 5.41
CA GLN A 110 -1.29 -4.14 4.42
C GLN A 110 -1.79 -3.94 2.99
N PHE A 111 -0.91 -3.38 2.14
CA PHE A 111 -1.20 -3.04 0.78
C PHE A 111 0.04 -3.27 -0.06
N PHE A 112 -0.12 -3.16 -1.38
CA PHE A 112 1.02 -3.27 -2.27
C PHE A 112 0.83 -2.40 -3.45
N ILE A 113 1.96 -2.00 -4.05
CA ILE A 113 1.98 -1.22 -5.27
C ILE A 113 2.63 -2.14 -6.29
N CYS A 114 1.94 -2.45 -7.40
CA CYS A 114 2.50 -3.35 -8.41
C CYS A 114 3.55 -2.64 -9.22
N THR A 115 4.51 -3.40 -9.75
CA THR A 115 5.49 -2.84 -10.71
C THR A 115 5.32 -3.47 -12.11
N ILE A 116 4.34 -4.36 -12.26
CA ILE A 116 3.95 -5.07 -13.49
C ILE A 116 2.44 -5.29 -13.45
N LYS A 117 1.87 -5.77 -14.58
CA LYS A 117 0.48 -6.19 -14.61
C LYS A 117 0.43 -7.52 -13.83
N THR A 118 -0.49 -7.64 -12.87
CA THR A 118 -0.61 -8.87 -12.04
C THR A 118 -2.02 -9.41 -12.15
N ASP A 119 -2.40 -9.88 -13.35
CA ASP A 119 -3.78 -10.25 -13.61
C ASP A 119 -4.30 -11.42 -12.75
N TRP A 120 -3.40 -12.30 -12.25
CA TRP A 120 -3.80 -13.45 -11.43
C TRP A 120 -4.38 -13.04 -10.06
N LEU A 121 -4.18 -11.77 -9.67
CA LEU A 121 -4.67 -11.24 -8.39
C LEU A 121 -6.07 -10.63 -8.57
N ASP A 122 -6.56 -10.54 -9.84
CA ASP A 122 -7.93 -10.02 -10.07
C ASP A 122 -8.95 -10.99 -9.47
N GLY A 123 -9.90 -10.42 -8.77
CA GLY A 123 -10.92 -11.20 -8.08
C GLY A 123 -10.46 -11.75 -6.74
N LYS A 124 -9.20 -11.47 -6.32
CA LYS A 124 -8.68 -11.99 -5.05
C LYS A 124 -8.22 -10.84 -4.14
N HIS A 125 -7.65 -9.77 -4.74
CA HIS A 125 -7.17 -8.59 -4.02
C HIS A 125 -7.96 -7.39 -4.49
N VAL A 126 -8.45 -6.59 -3.54
CA VAL A 126 -9.22 -5.38 -3.86
C VAL A 126 -8.27 -4.25 -4.32
N VAL A 127 -8.39 -3.88 -5.61
CA VAL A 127 -7.65 -2.73 -6.14
C VAL A 127 -8.42 -1.48 -5.70
N PHE A 128 -7.69 -0.44 -5.23
CA PHE A 128 -8.37 0.76 -4.74
C PHE A 128 -7.71 2.08 -5.12
N GLY A 129 -6.69 2.02 -5.96
CA GLY A 129 -6.06 3.25 -6.41
C GLY A 129 -4.87 3.03 -7.32
N HIS A 130 -4.13 4.11 -7.57
CA HIS A 130 -2.95 4.05 -8.42
C HIS A 130 -2.00 5.19 -8.15
N VAL A 131 -0.74 5.03 -8.59
CA VAL A 131 0.31 6.03 -8.43
C VAL A 131 0.06 7.17 -9.43
N ILE A 132 -0.08 8.39 -8.90
CA ILE A 132 -0.24 9.64 -9.66
C ILE A 132 1.15 10.22 -10.00
N GLU A 133 2.06 10.17 -9.02
CA GLU A 133 3.42 10.70 -9.10
C GLU A 133 4.34 9.84 -8.22
N GLY A 134 5.61 9.71 -8.62
CA GLY A 134 6.57 8.98 -7.80
C GLY A 134 6.84 7.55 -8.23
N MET A 135 6.54 7.20 -9.49
CA MET A 135 6.90 5.86 -9.95
C MET A 135 8.44 5.67 -9.87
N ASP A 136 9.25 6.76 -9.98
CA ASP A 136 10.71 6.69 -9.83
C ASP A 136 11.06 6.19 -8.42
N VAL A 137 10.31 6.66 -7.40
CA VAL A 137 10.45 6.23 -6.01
C VAL A 137 10.08 4.75 -5.88
N VAL A 138 8.97 4.34 -6.51
CA VAL A 138 8.56 2.93 -6.50
C VAL A 138 9.64 2.04 -7.13
N LYS A 139 10.26 2.46 -8.24
CA LYS A 139 11.32 1.65 -8.90
C LYS A 139 12.55 1.54 -7.97
N LYS A 140 12.84 2.62 -7.22
CA LYS A 140 13.93 2.55 -6.27
C LYS A 140 13.63 1.51 -5.19
N ILE A 141 12.41 1.57 -4.61
CA ILE A 141 11.98 0.60 -3.60
C ILE A 141 12.11 -0.82 -4.15
N GLU A 142 11.54 -1.05 -5.34
CA GLU A 142 11.58 -2.32 -6.05
C GLU A 142 13.02 -2.86 -6.19
N SER A 143 13.98 -1.96 -6.53
CA SER A 143 15.39 -2.35 -6.71
C SER A 143 16.04 -2.84 -5.40
N PHE A 144 15.42 -2.53 -4.25
CA PHE A 144 15.94 -3.00 -2.96
C PHE A 144 15.23 -4.28 -2.49
N GLY A 145 14.49 -4.92 -3.38
CA GLY A 145 13.84 -6.18 -3.04
C GLY A 145 14.68 -7.37 -3.49
N SER A 146 14.11 -8.56 -3.37
CA SER A 146 14.78 -9.78 -3.80
C SER A 146 13.71 -10.83 -4.15
N LYS A 147 14.12 -11.95 -4.80
CA LYS A 147 13.15 -13.00 -5.13
C LYS A 147 12.35 -13.48 -3.89
N SER A 148 13.02 -13.56 -2.71
CA SER A 148 12.35 -14.02 -1.48
C SER A 148 11.44 -12.97 -0.85
N GLY A 149 11.55 -11.73 -1.31
CA GLY A 149 10.81 -10.60 -0.75
C GLY A 149 11.62 -9.85 0.29
N ARG A 150 12.74 -10.43 0.77
CA ARG A 150 13.61 -9.77 1.75
C ARG A 150 14.21 -8.48 1.18
N THR A 151 14.11 -7.37 1.93
CA THR A 151 14.70 -6.09 1.46
C THR A 151 16.18 -5.97 1.81
N SER A 152 16.98 -5.36 0.91
CA SER A 152 18.41 -5.19 1.11
C SER A 152 18.74 -3.85 1.76
N LYS A 153 17.73 -2.99 1.92
CA LYS A 153 17.83 -1.70 2.59
C LYS A 153 16.56 -1.58 3.46
N LYS A 154 16.63 -0.84 4.57
CA LYS A 154 15.45 -0.65 5.42
C LYS A 154 14.58 0.43 4.76
N ILE A 155 13.37 0.07 4.31
CA ILE A 155 12.50 1.01 3.58
C ILE A 155 11.40 1.48 4.52
N VAL A 156 11.41 2.78 4.89
CA VAL A 156 10.50 3.30 5.90
C VAL A 156 9.66 4.40 5.33
N ILE A 157 8.36 4.38 5.64
CA ILE A 157 7.46 5.46 5.32
C ILE A 157 7.67 6.46 6.47
N THR A 158 8.45 7.53 6.24
CA THR A 158 8.75 8.50 7.30
C THR A 158 7.58 9.42 7.60
N ASP A 159 6.85 9.76 6.55
CA ASP A 159 5.74 10.68 6.66
C ASP A 159 4.70 10.28 5.63
N CYS A 160 3.44 10.56 5.96
CA CYS A 160 2.32 10.28 5.06
C CYS A 160 1.15 11.19 5.42
N GLY A 161 0.21 11.32 4.51
CA GLY A 161 -0.93 12.19 4.78
C GLY A 161 -1.78 12.39 3.55
N GLN A 162 -2.67 13.37 3.65
CA GLN A 162 -3.62 13.65 2.59
C GLN A 162 -3.33 15.01 1.97
N LEU A 163 -3.24 15.03 0.63
CA LEU A 163 -3.02 16.25 -0.17
C LEU A 163 -4.35 16.95 -0.52
N SER A 164 -5.40 16.16 -0.82
CA SER A 164 -6.73 16.69 -1.20
C SER A 164 -7.79 15.60 -1.10
#